data_6COW
#
_entry.id   6COW
#
_entity_poly.entity_id   1
_entity_poly.type   'polypeptide(L)'
_entity_poly.pdbx_seq_one_letter_code
;EMRLSKFFRDFILQRKK
;
_entity_poly.pdbx_strand_id   A
#
# COMPACT_ATOMS: atom_id res chain seq x y z
N GLU A 1 10.90 -1.97 -10.16
CA GLU A 1 9.48 -1.82 -9.68
C GLU A 1 9.34 -0.53 -8.91
N MET A 2 8.87 0.55 -9.62
CA MET A 2 8.67 1.88 -9.03
C MET A 2 7.20 2.24 -9.17
N ARG A 3 6.35 1.26 -9.58
CA ARG A 3 4.90 1.48 -9.75
C ARG A 3 4.19 0.38 -9.00
N LEU A 4 2.89 0.67 -8.64
CA LEU A 4 1.97 -0.23 -7.89
C LEU A 4 2.35 -0.30 -6.42
N SER A 5 3.29 0.59 -5.98
CA SER A 5 3.72 0.68 -4.57
C SER A 5 2.81 1.64 -3.82
N LYS A 6 2.03 2.46 -4.59
CA LYS A 6 1.09 3.46 -4.04
C LYS A 6 -0.24 2.79 -3.75
N PHE A 7 -0.45 1.60 -4.41
CA PHE A 7 -1.66 0.77 -4.26
C PHE A 7 -1.53 0.02 -2.98
N PHE A 8 -0.25 -0.26 -2.65
CA PHE A 8 0.15 -1.08 -1.57
C PHE A 8 0.33 -0.24 -0.36
N ARG A 9 0.42 1.08 -0.57
CA ARG A 9 0.56 2.01 0.48
C ARG A 9 -0.84 2.25 1.02
N ASP A 10 -1.86 2.11 0.17
CA ASP A 10 -3.23 2.33 0.63
C ASP A 10 -3.82 1.06 1.20
N PHE A 11 -3.38 -0.12 0.71
CA PHE A 11 -3.90 -1.41 1.15
C PHE A 11 -3.30 -1.93 2.44
N ILE A 12 -1.97 -1.86 2.61
CA ILE A 12 -1.29 -2.38 3.81
C ILE A 12 -1.61 -1.55 5.02
N LEU A 13 -1.79 -0.24 4.78
CA LEU A 13 -1.97 0.73 5.85
C LEU A 13 -3.35 0.68 6.51
N GLN A 14 -4.31 -0.03 5.86
CA GLN A 14 -5.67 -0.21 6.41
C GLN A 14 -5.71 -1.48 7.30
N ARG A 15 -4.55 -2.20 7.43
CA ARG A 15 -4.46 -3.43 8.25
C ARG A 15 -3.56 -3.14 9.43
N LYS A 16 -3.49 -1.84 9.84
CA LYS A 16 -2.66 -1.39 10.96
C LYS A 16 -3.62 -0.88 12.03
N LYS A 17 -4.69 -1.69 12.27
CA LYS A 17 -5.74 -1.38 13.24
C LYS A 17 -5.22 -1.63 14.70
N GLU A 1 10.24 -2.39 -12.12
CA GLU A 1 9.56 -1.28 -11.38
C GLU A 1 8.24 -0.95 -12.06
N MET A 2 7.10 -1.38 -11.42
CA MET A 2 5.75 -1.14 -11.95
C MET A 2 5.12 0.03 -11.20
N ARG A 3 5.81 0.53 -10.11
CA ARG A 3 5.37 1.67 -9.26
C ARG A 3 4.06 1.34 -8.55
N LEU A 4 4.08 0.26 -7.70
CA LEU A 4 2.91 -0.19 -6.95
C LEU A 4 3.23 -0.02 -5.47
N SER A 5 4.13 0.97 -5.13
CA SER A 5 4.52 1.24 -3.73
C SER A 5 3.53 2.19 -3.08
N LYS A 6 2.76 2.97 -3.91
CA LYS A 6 1.77 3.95 -3.41
C LYS A 6 0.44 3.23 -3.22
N PHE A 7 0.32 2.03 -3.88
CA PHE A 7 -0.86 1.16 -3.81
C PHE A 7 -0.83 0.43 -2.52
N PHE A 8 0.42 0.19 -2.06
CA PHE A 8 0.72 -0.62 -0.93
C PHE A 8 0.74 0.22 0.28
N ARG A 9 0.89 1.51 0.07
CA ARG A 9 0.89 2.47 1.12
C ARG A 9 -0.54 2.67 1.54
N ASP A 10 -1.48 2.61 0.60
CA ASP A 10 -2.89 2.79 0.96
C ASP A 10 -3.53 1.47 1.38
N PHE A 11 -2.93 0.30 1.03
CA PHE A 11 -3.48 -1.00 1.41
C PHE A 11 -3.02 -1.51 2.75
N ILE A 12 -1.71 -1.45 3.04
CA ILE A 12 -1.14 -1.96 4.29
C ILE A 12 -1.61 -1.15 5.48
N LEU A 13 -1.73 0.16 5.25
CA LEU A 13 -2.02 1.12 6.29
C LEU A 13 -3.45 1.05 6.82
N GLN A 14 -4.38 0.53 5.99
CA GLN A 14 -5.80 0.37 6.40
C GLN A 14 -6.05 -1.03 6.98
N ARG A 15 -5.01 -1.91 7.03
CA ARG A 15 -5.13 -3.28 7.53
C ARG A 15 -4.33 -3.43 8.81
N LYS A 16 -4.19 -2.30 9.58
CA LYS A 16 -3.45 -2.31 10.84
C LYS A 16 -4.38 -2.79 11.92
N LYS A 17 -5.72 -2.60 11.67
CA LYS A 17 -6.73 -3.01 12.59
C LYS A 17 -7.55 -4.17 11.94
N GLU A 1 8.64 -1.80 -15.61
CA GLU A 1 8.81 -1.06 -14.32
C GLU A 1 7.47 -0.56 -13.84
N MET A 2 7.02 -1.07 -12.64
CA MET A 2 5.74 -0.68 -12.05
C MET A 2 6.03 -0.28 -10.62
N ARG A 3 5.15 0.62 -10.05
CA ARG A 3 5.29 1.12 -8.68
C ARG A 3 4.18 0.49 -7.86
N LEU A 4 4.57 -0.22 -6.75
CA LEU A 4 3.61 -0.87 -5.86
C LEU A 4 3.84 -0.37 -4.45
N SER A 5 4.63 0.75 -4.29
CA SER A 5 4.92 1.31 -2.97
C SER A 5 3.81 2.24 -2.51
N LYS A 6 3.00 2.80 -3.48
CA LYS A 6 1.89 3.72 -3.17
C LYS A 6 0.64 2.90 -2.89
N PHE A 7 0.67 1.61 -3.33
CA PHE A 7 -0.42 0.68 -3.19
C PHE A 7 -0.43 0.10 -1.83
N PHE A 8 0.78 -0.05 -1.26
CA PHE A 8 0.97 -0.77 -0.03
C PHE A 8 0.87 0.16 1.12
N ARG A 9 1.06 1.46 0.89
CA ARG A 9 0.92 2.41 1.98
C ARG A 9 -0.55 2.73 2.12
N ASP A 10 -1.35 2.50 1.07
CA ASP A 10 -2.77 2.77 1.19
C ASP A 10 -3.47 1.54 1.72
N PHE A 11 -2.99 0.32 1.37
CA PHE A 11 -3.61 -0.93 1.79
C PHE A 11 -3.31 -1.33 3.22
N ILE A 12 -2.04 -1.27 3.66
CA ILE A 12 -1.66 -1.68 5.01
C ILE A 12 -2.27 -0.78 6.04
N LEU A 13 -2.31 0.53 5.70
CA LEU A 13 -2.77 1.55 6.61
C LEU A 13 -4.27 1.52 6.84
N GLN A 14 -5.05 1.23 5.76
CA GLN A 14 -6.54 1.14 5.84
C GLN A 14 -7.00 -0.05 6.69
N ARG A 15 -6.31 -1.24 6.55
CA ARG A 15 -6.68 -2.46 7.30
C ARG A 15 -6.35 -2.33 8.77
N LYS A 16 -5.17 -1.65 9.04
CA LYS A 16 -4.59 -1.39 10.36
C LYS A 16 -3.99 -2.67 10.87
N LYS A 17 -3.70 -3.59 9.89
CA LYS A 17 -3.13 -4.87 10.17
C LYS A 17 -1.75 -4.95 9.43
N GLU A 1 9.21 1.16 -16.34
CA GLU A 1 9.12 1.61 -14.91
C GLU A 1 7.82 1.14 -14.29
N MET A 2 7.94 0.32 -13.20
CA MET A 2 6.78 -0.22 -12.49
C MET A 2 6.96 0.12 -11.03
N ARG A 3 5.81 0.39 -10.34
CA ARG A 3 5.82 0.75 -8.92
C ARG A 3 4.55 0.15 -8.34
N LEU A 4 4.68 -0.48 -7.14
CA LEU A 4 3.55 -1.11 -6.46
C LEU A 4 3.68 -0.77 -4.98
N SER A 5 4.43 0.33 -4.64
CA SER A 5 4.65 0.76 -3.25
C SER A 5 3.52 1.67 -2.76
N LYS A 6 2.73 2.27 -3.70
CA LYS A 6 1.61 3.18 -3.34
C LYS A 6 0.36 2.35 -3.10
N PHE A 7 0.37 1.09 -3.64
CA PHE A 7 -0.72 0.12 -3.51
C PHE A 7 -0.67 -0.44 -2.14
N PHE A 8 0.57 -0.52 -1.63
CA PHE A 8 0.90 -1.15 -0.39
C PHE A 8 0.80 -0.16 0.68
N ARG A 9 0.82 1.12 0.32
CA ARG A 9 0.69 2.17 1.26
C ARG A 9 -0.80 2.33 1.53
N ASP A 10 -1.65 1.98 0.57
CA ASP A 10 -3.09 2.10 0.79
C ASP A 10 -3.64 0.84 1.43
N PHE A 11 -2.99 -0.33 1.23
CA PHE A 11 -3.45 -1.61 1.78
C PHE A 11 -2.99 -1.88 3.18
N ILE A 12 -1.71 -1.65 3.50
CA ILE A 12 -1.17 -1.94 4.84
C ILE A 12 -1.77 -1.04 5.87
N LEU A 13 -1.97 0.23 5.46
CA LEU A 13 -2.41 1.29 6.36
C LEU A 13 -3.84 1.11 6.85
N GLN A 14 -4.73 0.54 6.01
CA GLN A 14 -6.14 0.32 6.39
C GLN A 14 -6.31 -1.00 7.15
N ARG A 15 -5.23 -1.84 7.27
CA ARG A 15 -5.30 -3.12 7.97
C ARG A 15 -4.53 -3.06 9.28
N LYS A 16 -4.40 -1.81 9.87
CA LYS A 16 -3.70 -1.62 11.14
C LYS A 16 -4.73 -1.64 12.23
N LYS A 17 -6.04 -1.52 11.84
CA LYS A 17 -7.14 -1.52 12.76
C LYS A 17 -7.98 -2.81 12.54
N GLU A 1 11.95 1.29 -10.27
CA GLU A 1 10.59 1.92 -10.35
C GLU A 1 9.51 0.87 -10.39
N MET A 2 8.51 1.00 -9.45
CA MET A 2 7.39 0.06 -9.34
C MET A 2 6.12 0.89 -9.36
N ARG A 3 5.02 0.30 -9.90
CA ARG A 3 3.72 0.97 -10.02
C ARG A 3 2.74 0.34 -9.04
N LEU A 4 3.19 -0.73 -8.31
CA LEU A 4 2.34 -1.44 -7.35
C LEU A 4 2.78 -1.09 -5.94
N SER A 5 3.58 0.02 -5.80
CA SER A 5 4.07 0.46 -4.50
C SER A 5 3.02 1.33 -3.81
N LYS A 6 2.19 2.08 -4.64
CA LYS A 6 1.15 2.98 -4.13
C LYS A 6 -0.10 2.18 -3.79
N PHE A 7 -0.20 0.95 -4.36
CA PHE A 7 -1.31 0.01 -4.15
C PHE A 7 -1.20 -0.57 -2.79
N PHE A 8 0.08 -0.74 -2.40
CA PHE A 8 0.46 -1.40 -1.20
C PHE A 8 0.54 -0.42 -0.11
N ARG A 9 0.61 0.86 -0.47
CA ARG A 9 0.65 1.90 0.48
C ARG A 9 -0.75 2.14 0.94
N ASP A 10 -1.74 1.88 0.10
CA ASP A 10 -3.11 2.10 0.51
C ASP A 10 -3.64 0.87 1.22
N PHE A 11 -3.15 -0.35 0.86
CA PHE A 11 -3.60 -1.60 1.46
C PHE A 11 -3.02 -1.89 2.83
N ILE A 12 -1.69 -1.75 3.00
CA ILE A 12 -1.01 -2.07 4.26
C ILE A 12 -1.45 -1.14 5.36
N LEU A 13 -1.67 0.12 4.97
CA LEU A 13 -1.97 1.20 5.90
C LEU A 13 -3.36 1.09 6.53
N GLN A 14 -4.30 0.40 5.84
CA GLN A 14 -5.67 0.19 6.35
C GLN A 14 -5.75 -1.06 7.25
N ARG A 15 -4.63 -1.87 7.35
CA ARG A 15 -4.61 -3.09 8.16
C ARG A 15 -3.77 -2.88 9.41
N LYS A 16 -3.66 -1.59 9.86
CA LYS A 16 -2.88 -1.24 11.04
C LYS A 16 -3.84 -1.02 12.19
N LYS A 17 -5.18 -1.16 11.88
CA LYS A 17 -6.21 -0.96 12.87
C LYS A 17 -7.06 -2.25 12.89
N GLU A 1 3.11 -2.92 -14.24
CA GLU A 1 4.33 -3.76 -14.05
C GLU A 1 4.78 -3.74 -12.60
N MET A 2 5.07 -2.51 -12.05
CA MET A 2 5.52 -2.35 -10.67
C MET A 2 4.66 -1.28 -10.04
N ARG A 3 4.45 -1.40 -8.68
CA ARG A 3 3.64 -0.45 -7.91
C ARG A 3 4.59 0.46 -7.15
N LEU A 4 4.03 1.59 -6.63
CA LEU A 4 4.79 2.60 -5.87
C LEU A 4 4.87 2.17 -4.42
N SER A 5 5.75 2.90 -3.64
CA SER A 5 5.92 2.66 -2.21
C SER A 5 4.84 3.43 -1.48
N LYS A 6 4.20 4.42 -2.20
CA LYS A 6 3.11 5.24 -1.68
C LYS A 6 1.81 4.49 -1.92
N PHE A 7 1.84 3.49 -2.88
CA PHE A 7 0.69 2.64 -3.19
C PHE A 7 0.56 1.62 -2.12
N PHE A 8 1.72 1.29 -1.54
CA PHE A 8 1.87 0.24 -0.58
C PHE A 8 1.67 0.78 0.77
N ARG A 9 1.78 2.11 0.88
CA ARG A 9 1.57 2.79 2.12
C ARG A 9 0.07 2.96 2.27
N ASP A 10 -0.67 3.03 1.16
CA ASP A 10 -2.11 3.17 1.26
C ASP A 10 -2.79 1.82 1.37
N PHE A 11 -2.18 0.76 0.80
CA PHE A 11 -2.75 -0.59 0.82
C PHE A 11 -2.49 -1.37 2.09
N ILE A 12 -1.25 -1.37 2.61
CA ILE A 12 -0.88 -2.13 3.81
C ILE A 12 -1.58 -1.59 5.02
N LEU A 13 -1.71 -0.25 5.05
CA LEU A 13 -2.22 0.47 6.20
C LEU A 13 -3.72 0.26 6.41
N GLN A 14 -4.48 0.03 5.30
CA GLN A 14 -5.93 -0.23 5.37
C GLN A 14 -6.22 -1.69 5.77
N ARG A 15 -5.17 -2.59 5.75
CA ARG A 15 -5.34 -4.01 6.11
C ARG A 15 -4.81 -4.27 7.52
N LYS A 16 -4.68 -3.18 8.34
CA LYS A 16 -4.23 -3.29 9.74
C LYS A 16 -5.45 -3.35 10.64
N LYS A 17 -6.65 -3.01 10.04
CA LYS A 17 -7.96 -2.98 10.73
C LYS A 17 -7.95 -1.94 11.89
N GLU A 1 10.87 -1.23 -13.26
CA GLU A 1 9.80 -0.21 -13.04
C GLU A 1 8.45 -0.90 -12.93
N MET A 2 7.85 -0.85 -11.69
CA MET A 2 6.55 -1.47 -11.42
C MET A 2 5.59 -0.34 -11.07
N ARG A 3 6.00 0.52 -10.05
CA ARG A 3 5.23 1.69 -9.56
C ARG A 3 3.92 1.25 -8.91
N LEU A 4 4.04 0.53 -7.74
CA LEU A 4 2.89 0.04 -6.98
C LEU A 4 3.18 0.35 -5.52
N SER A 5 3.90 1.49 -5.25
CA SER A 5 4.27 1.89 -3.88
C SER A 5 3.16 2.67 -3.20
N LYS A 6 2.22 3.29 -4.00
CA LYS A 6 1.10 4.08 -3.46
C LYS A 6 -0.06 3.14 -3.14
N PHE A 7 -0.01 1.92 -3.75
CA PHE A 7 -1.03 0.90 -3.60
C PHE A 7 -0.83 0.17 -2.34
N PHE A 8 0.46 0.02 -1.95
CA PHE A 8 0.85 -0.81 -0.86
C PHE A 8 0.87 -0.07 0.40
N ARG A 9 0.95 1.28 0.33
CA ARG A 9 0.94 2.05 1.55
C ARG A 9 -0.50 2.23 1.97
N ASP A 10 -1.46 2.16 1.03
CA ASP A 10 -2.85 2.31 1.42
C ASP A 10 -3.46 0.95 1.74
N PHE A 11 -2.84 -0.16 1.30
CA PHE A 11 -3.35 -1.50 1.58
C PHE A 11 -2.83 -2.09 2.87
N ILE A 12 -1.53 -2.03 3.12
CA ILE A 12 -0.91 -2.62 4.32
C ILE A 12 -1.36 -1.93 5.57
N LEU A 13 -1.46 -0.59 5.46
CA LEU A 13 -1.71 0.28 6.60
C LEU A 13 -3.11 0.19 7.16
N GLN A 14 -4.13 0.03 6.27
CA GLN A 14 -5.55 0.01 6.68
C GLN A 14 -6.03 -1.36 7.22
N ARG A 15 -5.15 -2.43 7.23
CA ARG A 15 -5.57 -3.75 7.73
C ARG A 15 -5.23 -3.91 9.21
N LYS A 16 -4.56 -2.90 9.81
CA LYS A 16 -4.18 -2.95 11.22
C LYS A 16 -4.92 -1.84 11.92
N LYS A 17 -5.72 -1.02 11.16
CA LYS A 17 -6.48 0.07 11.72
C LYS A 17 -7.95 -0.40 11.94
N GLU A 1 7.51 0.57 -16.84
CA GLU A 1 7.89 0.96 -15.44
C GLU A 1 6.65 1.03 -14.58
N MET A 2 6.60 0.16 -13.51
CA MET A 2 5.46 0.12 -12.58
C MET A 2 6.04 0.23 -11.19
N ARG A 3 5.21 0.79 -10.25
CA ARG A 3 5.61 0.98 -8.85
C ARG A 3 4.56 0.33 -7.99
N LEU A 4 5.01 -0.23 -6.82
CA LEU A 4 4.12 -0.91 -5.87
C LEU A 4 4.39 -0.32 -4.50
N SER A 5 4.85 0.97 -4.43
CA SER A 5 5.17 1.63 -3.15
C SER A 5 3.94 2.24 -2.51
N LYS A 6 3.02 2.86 -3.32
CA LYS A 6 1.80 3.51 -2.81
C LYS A 6 0.70 2.48 -2.64
N PHE A 7 0.89 1.28 -3.29
CA PHE A 7 -0.04 0.16 -3.25
C PHE A 7 -0.01 -0.48 -1.91
N PHE A 8 1.22 -0.50 -1.34
CA PHE A 8 1.50 -1.19 -0.12
C PHE A 8 1.31 -0.29 1.02
N ARG A 9 1.28 1.01 0.73
CA ARG A 9 1.07 2.00 1.72
C ARG A 9 -0.42 2.07 1.98
N ASP A 10 -1.22 1.81 0.95
CA ASP A 10 -2.67 1.84 1.15
C ASP A 10 -3.19 0.49 1.62
N PHE A 11 -2.50 -0.63 1.31
CA PHE A 11 -2.94 -1.95 1.73
C PHE A 11 -2.58 -2.33 3.14
N ILE A 12 -1.34 -2.09 3.56
CA ILE A 12 -0.87 -2.47 4.91
C ILE A 12 -1.59 -1.67 5.97
N LEU A 13 -1.78 -0.37 5.64
CA LEU A 13 -2.30 0.60 6.58
C LEU A 13 -3.77 0.42 6.92
N GLN A 14 -4.61 0.02 5.91
CA GLN A 14 -6.07 -0.16 6.12
C GLN A 14 -6.42 -1.45 6.88
N ARG A 15 -5.43 -2.39 7.09
CA ARG A 15 -5.70 -3.66 7.82
C ARG A 15 -5.39 -3.50 9.30
N LYS A 16 -4.91 -2.28 9.69
CA LYS A 16 -4.57 -1.98 11.07
C LYS A 16 -5.61 -1.01 11.59
N LYS A 17 -6.44 -0.45 10.66
CA LYS A 17 -7.47 0.51 11.01
C LYS A 17 -8.84 -0.23 11.07
N GLU A 1 10.04 0.66 -11.20
CA GLU A 1 9.72 -0.11 -12.45
C GLU A 1 8.28 -0.60 -12.42
N MET A 2 7.91 -1.45 -11.38
CA MET A 2 6.56 -2.01 -11.24
C MET A 2 5.58 -0.92 -10.84
N ARG A 3 6.01 -0.01 -9.88
CA ARG A 3 5.22 1.13 -9.36
C ARG A 3 3.93 0.61 -8.69
N LEU A 4 4.07 0.07 -7.44
CA LEU A 4 2.94 -0.49 -6.70
C LEU A 4 3.18 -0.26 -5.22
N SER A 5 4.03 0.77 -4.88
CA SER A 5 4.38 1.08 -3.48
C SER A 5 3.35 1.99 -2.83
N LYS A 6 2.55 2.75 -3.65
CA LYS A 6 1.53 3.69 -3.11
C LYS A 6 0.23 2.94 -2.88
N PHE A 7 0.10 1.74 -3.53
CA PHE A 7 -1.06 0.85 -3.43
C PHE A 7 -1.04 0.18 -2.11
N PHE A 8 0.20 -0.08 -1.65
CA PHE A 8 0.46 -0.82 -0.47
C PHE A 8 0.51 0.09 0.68
N ARG A 9 0.67 1.38 0.40
CA ARG A 9 0.69 2.38 1.41
C ARG A 9 -0.75 2.67 1.76
N ASP A 10 -1.68 2.48 0.82
CA ASP A 10 -3.06 2.77 1.12
C ASP A 10 -3.75 1.53 1.67
N PHE A 11 -3.27 0.32 1.32
CA PHE A 11 -3.88 -0.92 1.78
C PHE A 11 -3.46 -1.36 3.16
N ILE A 12 -2.16 -1.31 3.48
CA ILE A 12 -1.65 -1.75 4.78
C ILE A 12 -2.14 -0.84 5.88
N LEU A 13 -2.17 0.46 5.56
CA LEU A 13 -2.47 1.50 6.52
C LEU A 13 -3.93 1.52 6.95
N GLN A 14 -4.86 1.29 5.98
CA GLN A 14 -6.32 1.27 6.26
C GLN A 14 -6.72 0.08 7.13
N ARG A 15 -6.11 -1.12 6.91
CA ARG A 15 -6.42 -2.33 7.70
C ARG A 15 -5.91 -2.21 9.12
N LYS A 16 -4.69 -1.57 9.24
CA LYS A 16 -3.93 -1.32 10.47
C LYS A 16 -3.27 -2.61 10.91
N LYS A 17 -3.30 -3.62 9.97
CA LYS A 17 -2.73 -4.91 10.21
C LYS A 17 -1.64 -5.14 9.11
N GLU A 1 9.31 -0.58 -16.13
CA GLU A 1 9.36 0.05 -14.78
C GLU A 1 7.95 0.39 -14.32
N MET A 2 7.50 -0.28 -13.21
CA MET A 2 6.16 -0.06 -12.64
C MET A 2 6.35 0.21 -11.17
N ARG A 3 5.37 0.95 -10.56
CA ARG A 3 5.40 1.29 -9.14
C ARG A 3 4.26 0.55 -8.47
N LEU A 4 4.50 0.10 -7.21
CA LEU A 4 3.49 -0.65 -6.44
C LEU A 4 3.75 -0.37 -4.96
N SER A 5 4.53 0.71 -4.65
CA SER A 5 4.86 1.07 -3.27
C SER A 5 3.77 1.93 -2.65
N LYS A 6 2.98 2.66 -3.50
CA LYS A 6 1.89 3.55 -3.04
C LYS A 6 0.61 2.74 -2.88
N PHE A 7 0.59 1.53 -3.53
CA PHE A 7 -0.53 0.58 -3.48
C PHE A 7 -0.55 -0.09 -2.16
N PHE A 8 0.69 -0.28 -1.64
CA PHE A 8 0.95 -1.02 -0.46
C PHE A 8 0.89 -0.13 0.70
N ARG A 9 0.97 1.17 0.44
CA ARG A 9 0.89 2.16 1.45
C ARG A 9 -0.58 2.38 1.72
N ASP A 10 -1.46 2.12 0.74
CA ASP A 10 -2.88 2.29 0.97
C ASP A 10 -3.48 1.02 1.53
N PHE A 11 -2.91 -0.16 1.19
CA PHE A 11 -3.42 -1.46 1.65
C PHE A 11 -3.00 -1.85 3.04
N ILE A 12 -1.70 -1.71 3.38
CA ILE A 12 -1.17 -2.11 4.70
C ILE A 12 -1.75 -1.26 5.79
N LEU A 13 -1.95 0.02 5.46
CA LEU A 13 -2.38 1.03 6.43
C LEU A 13 -3.82 0.84 6.87
N GLN A 14 -4.68 0.25 5.99
CA GLN A 14 -6.09 -0.02 6.30
C GLN A 14 -6.25 -1.31 7.12
N ARG A 15 -5.17 -2.15 7.26
CA ARG A 15 -5.22 -3.41 8.01
C ARG A 15 -4.52 -3.25 9.36
N LYS A 16 -4.46 -1.97 9.88
CA LYS A 16 -3.85 -1.68 11.18
C LYS A 16 -4.95 -1.56 12.22
N LYS A 17 -6.24 -1.69 11.75
CA LYS A 17 -7.46 -1.63 12.56
C LYS A 17 -7.70 -0.17 13.07
N GLU A 1 9.23 1.86 -13.22
CA GLU A 1 9.84 0.87 -12.29
C GLU A 1 9.30 1.10 -10.88
N MET A 2 8.58 0.03 -10.33
CA MET A 2 7.98 0.03 -8.96
C MET A 2 6.84 1.06 -8.88
N ARG A 3 5.72 0.77 -9.61
CA ARG A 3 4.54 1.64 -9.67
C ARG A 3 3.39 1.03 -8.88
N LEU A 4 3.63 -0.16 -8.24
CA LEU A 4 2.61 -0.88 -7.49
C LEU A 4 2.89 -0.77 -6.00
N SER A 5 3.80 0.19 -5.61
CA SER A 5 4.16 0.42 -4.21
C SER A 5 3.15 1.35 -3.57
N LYS A 6 2.34 2.08 -4.40
CA LYS A 6 1.32 3.04 -3.91
C LYS A 6 0.04 2.30 -3.57
N PHE A 7 -0.12 1.07 -4.16
CA PHE A 7 -1.28 0.20 -3.94
C PHE A 7 -1.17 -0.43 -2.61
N PHE A 8 0.10 -0.66 -2.23
CA PHE A 8 0.46 -1.37 -1.05
C PHE A 8 0.58 -0.43 0.07
N ARG A 9 0.68 0.86 -0.27
CA ARG A 9 0.75 1.90 0.69
C ARG A 9 -0.65 2.19 1.13
N ASP A 10 -1.64 1.93 0.28
CA ASP A 10 -3.00 2.20 0.65
C ASP A 10 -3.61 1.00 1.34
N PHE A 11 -3.25 -0.23 0.87
CA PHE A 11 -3.81 -1.48 1.40
C PHE A 11 -3.31 -1.88 2.76
N ILE A 12 -1.98 -1.80 3.01
CA ILE A 12 -1.38 -2.19 4.29
C ILE A 12 -1.81 -1.25 5.37
N LEU A 13 -1.96 0.04 4.99
CA LEU A 13 -2.26 1.10 5.93
C LEU A 13 -3.69 1.10 6.43
N GLN A 14 -4.59 0.38 5.71
CA GLN A 14 -6.01 0.21 6.10
C GLN A 14 -6.15 -0.98 7.04
N ARG A 15 -5.03 -1.75 7.25
CA ARG A 15 -4.99 -2.94 8.10
C ARG A 15 -4.10 -2.64 9.31
N LYS A 16 -4.02 -1.33 9.72
CA LYS A 16 -3.21 -0.90 10.85
C LYS A 16 -4.15 -0.71 12.01
N LYS A 17 -4.78 -1.85 12.41
CA LYS A 17 -5.73 -1.86 13.51
C LYS A 17 -4.96 -1.80 14.87
N GLU A 1 6.14 2.17 -15.81
CA GLU A 1 6.48 2.63 -14.43
C GLU A 1 6.86 1.43 -13.57
N MET A 2 5.83 0.55 -13.23
CA MET A 2 5.99 -0.67 -12.43
C MET A 2 6.45 -0.35 -11.00
N ARG A 3 5.55 0.34 -10.21
CA ARG A 3 5.83 0.71 -8.84
C ARG A 3 4.74 0.08 -8.00
N LEU A 4 5.14 -0.70 -6.94
CA LEU A 4 4.20 -1.38 -6.06
C LEU A 4 4.45 -0.92 -4.63
N SER A 5 5.17 0.23 -4.44
CA SER A 5 5.48 0.76 -3.11
C SER A 5 4.31 1.59 -2.58
N LYS A 6 3.51 2.20 -3.51
CA LYS A 6 2.35 3.04 -3.16
C LYS A 6 1.11 2.17 -2.99
N PHE A 7 1.19 0.91 -3.52
CA PHE A 7 0.13 -0.10 -3.43
C PHE A 7 0.06 -0.62 -2.04
N PHE A 8 1.26 -0.68 -1.45
CA PHE A 8 1.50 -1.27 -0.17
C PHE A 8 1.31 -0.26 0.88
N ARG A 9 1.35 1.01 0.47
CA ARG A 9 1.15 2.10 1.36
C ARG A 9 -0.34 2.25 1.54
N ASP A 10 -1.14 1.84 0.55
CA ASP A 10 -2.58 1.94 0.71
C ASP A 10 -3.14 0.70 1.38
N PHE A 11 -2.53 -0.49 1.13
CA PHE A 11 -2.98 -1.77 1.68
C PHE A 11 -2.66 -1.99 3.14
N ILE A 12 -1.41 -1.72 3.55
CA ILE A 12 -0.97 -1.94 4.94
C ILE A 12 -1.69 -0.99 5.86
N LEU A 13 -1.94 0.23 5.36
CA LEU A 13 -2.53 1.29 6.14
C LEU A 13 -4.02 1.11 6.38
N GLN A 14 -4.68 0.26 5.53
CA GLN A 14 -6.12 -0.07 5.69
C GLN A 14 -6.31 -1.24 6.66
N ARG A 15 -5.20 -1.95 7.06
CA ARG A 15 -5.27 -3.10 7.97
C ARG A 15 -4.77 -2.71 9.35
N LYS A 16 -4.91 -1.39 9.72
CA LYS A 16 -4.49 -0.87 11.02
C LYS A 16 -5.67 -0.94 11.98
N LYS A 17 -6.90 -1.20 11.40
CA LYS A 17 -8.18 -1.31 12.12
C LYS A 17 -8.48 -0.01 12.93
N GLU A 1 5.87 -4.27 -13.45
CA GLU A 1 5.42 -3.91 -12.06
C GLU A 1 6.39 -2.93 -11.45
N MET A 2 6.16 -1.59 -11.71
CA MET A 2 7.01 -0.52 -11.20
C MET A 2 6.08 0.54 -10.62
N ARG A 3 6.61 1.29 -9.57
CA ARG A 3 5.90 2.39 -8.86
C ARG A 3 4.63 1.88 -8.18
N LEU A 4 4.81 0.81 -7.35
CA LEU A 4 3.70 0.21 -6.60
C LEU A 4 3.99 0.37 -5.12
N SER A 5 4.85 1.38 -4.76
CA SER A 5 5.21 1.65 -3.36
C SER A 5 4.18 2.55 -2.69
N LYS A 6 3.41 3.34 -3.52
CA LYS A 6 2.37 4.27 -3.02
C LYS A 6 1.07 3.51 -2.87
N PHE A 7 0.98 2.34 -3.58
CA PHE A 7 -0.18 1.46 -3.58
C PHE A 7 -0.23 0.70 -2.30
N PHE A 8 0.98 0.41 -1.80
CA PHE A 8 1.20 -0.44 -0.67
C PHE A 8 1.16 0.36 0.57
N ARG A 9 1.31 1.67 0.42
CA ARG A 9 1.28 2.58 1.50
C ARG A 9 -0.15 2.78 1.89
N ASP A 10 -1.05 2.76 0.92
CA ASP A 10 -2.45 2.95 1.23
C ASP A 10 -3.10 1.63 1.58
N PHE A 11 -2.66 0.50 0.98
CA PHE A 11 -3.28 -0.80 1.24
C PHE A 11 -2.95 -1.42 2.57
N ILE A 12 -1.68 -1.41 2.99
CA ILE A 12 -1.26 -2.02 4.25
C ILE A 12 -1.83 -1.26 5.42
N LEU A 13 -1.85 0.07 5.27
CA LEU A 13 -2.24 0.98 6.30
C LEU A 13 -3.73 0.98 6.59
N GLN A 14 -4.58 0.82 5.53
CA GLN A 14 -6.05 0.81 5.67
C GLN A 14 -6.59 -0.51 6.24
N ARG A 15 -5.73 -1.58 6.42
CA ARG A 15 -6.19 -2.87 6.97
C ARG A 15 -6.56 -2.73 8.43
N LYS A 16 -5.71 -1.94 9.18
CA LYS A 16 -5.85 -1.63 10.60
C LYS A 16 -5.84 -2.91 11.41
N LYS A 17 -4.85 -3.79 11.01
CA LYS A 17 -4.59 -5.11 11.57
C LYS A 17 -5.82 -6.07 11.38
N GLU A 1 9.12 0.32 -15.95
CA GLU A 1 8.48 1.40 -15.12
C GLU A 1 7.20 0.88 -14.51
N MET A 2 7.27 0.47 -13.21
CA MET A 2 6.11 -0.05 -12.48
C MET A 2 6.35 0.31 -11.03
N ARG A 3 5.25 0.76 -10.33
CA ARG A 3 5.32 1.15 -8.91
C ARG A 3 4.38 0.22 -8.17
N LEU A 4 4.73 -0.06 -6.88
CA LEU A 4 3.93 -0.95 -6.04
C LEU A 4 4.12 -0.52 -4.59
N SER A 5 4.73 0.70 -4.37
CA SER A 5 5.00 1.22 -3.02
C SER A 5 3.79 1.94 -2.45
N LYS A 6 3.00 2.66 -3.32
CA LYS A 6 1.82 3.43 -2.89
C LYS A 6 0.61 2.50 -2.78
N PHE A 7 0.73 1.30 -3.42
CA PHE A 7 -0.29 0.26 -3.44
C PHE A 7 -0.31 -0.41 -2.12
N PHE A 8 0.90 -0.51 -1.53
CA PHE A 8 1.15 -1.25 -0.33
C PHE A 8 0.97 -0.36 0.83
N ARG A 9 1.01 0.94 0.56
CA ARG A 9 0.81 1.92 1.57
C ARG A 9 -0.68 2.00 1.83
N ASP A 10 -1.51 1.77 0.80
CA ASP A 10 -2.95 1.84 1.02
C ASP A 10 -3.51 0.49 1.46
N PHE A 11 -2.78 -0.63 1.21
CA PHE A 11 -3.25 -1.95 1.60
C PHE A 11 -2.86 -2.36 3.01
N ILE A 12 -1.60 -2.16 3.40
CA ILE A 12 -1.10 -2.57 4.72
C ILE A 12 -1.74 -1.77 5.81
N LEU A 13 -1.91 -0.46 5.53
CA LEU A 13 -2.36 0.51 6.50
C LEU A 13 -3.81 0.32 6.93
N GLN A 14 -4.70 -0.11 6.00
CA GLN A 14 -6.13 -0.32 6.31
C GLN A 14 -6.37 -1.56 7.20
N ARG A 15 -5.35 -2.47 7.35
CA ARG A 15 -5.49 -3.68 8.19
C ARG A 15 -5.05 -3.39 9.61
N LYS A 16 -4.54 -2.15 9.86
CA LYS A 16 -4.08 -1.71 11.17
C LYS A 16 -5.11 -0.76 11.72
N LYS A 17 -5.96 -0.19 10.80
CA LYS A 17 -6.98 0.76 11.17
C LYS A 17 -8.34 0.01 11.34
N GLU A 1 7.49 2.37 -16.45
CA GLU A 1 7.86 2.43 -15.01
C GLU A 1 6.64 2.29 -14.15
N MET A 2 6.60 1.18 -13.33
CA MET A 2 5.47 0.90 -12.43
C MET A 2 6.06 0.66 -11.05
N ARG A 3 5.25 0.98 -9.99
CA ARG A 3 5.68 0.82 -8.61
C ARG A 3 4.61 0.02 -7.89
N LEU A 4 5.06 -0.78 -6.87
CA LEU A 4 4.16 -1.62 -6.07
C LEU A 4 4.32 -1.18 -4.63
N SER A 5 5.02 -0.02 -4.39
CA SER A 5 5.24 0.52 -3.04
C SER A 5 4.04 1.36 -2.60
N LYS A 6 3.23 1.86 -3.59
CA LYS A 6 2.04 2.69 -3.33
C LYS A 6 0.84 1.77 -3.10
N PHE A 7 0.98 0.48 -3.54
CA PHE A 7 -0.04 -0.57 -3.40
C PHE A 7 -0.06 -1.02 -1.99
N PHE A 8 1.14 -1.00 -1.39
CA PHE A 8 1.41 -1.52 -0.10
C PHE A 8 1.21 -0.46 0.90
N ARG A 9 1.18 0.78 0.44
CA ARG A 9 0.97 1.90 1.29
C ARG A 9 -0.54 2.02 1.45
N ASP A 10 -1.32 1.55 0.47
CA ASP A 10 -2.77 1.63 0.61
C ASP A 10 -3.31 0.41 1.33
N PHE A 11 -2.63 -0.76 1.19
CA PHE A 11 -3.07 -2.01 1.82
C PHE A 11 -2.69 -2.16 3.28
N ILE A 12 -1.44 -1.85 3.65
CA ILE A 12 -0.97 -2.00 5.04
C ILE A 12 -1.69 -1.06 5.96
N LEU A 13 -1.95 0.15 5.42
CA LEU A 13 -2.53 1.24 6.19
C LEU A 13 -4.00 0.99 6.52
N GLN A 14 -4.71 0.24 5.63
CA GLN A 14 -6.12 -0.13 5.83
C GLN A 14 -6.28 -1.22 6.89
N ARG A 15 -5.18 -2.00 7.19
CA ARG A 15 -5.23 -3.10 8.16
C ARG A 15 -4.68 -2.67 9.52
N LYS A 16 -4.65 -1.32 9.78
CA LYS A 16 -4.18 -0.78 11.06
C LYS A 16 -5.39 -0.55 11.95
N LYS A 17 -6.62 -0.60 11.32
CA LYS A 17 -7.92 -0.41 11.98
C LYS A 17 -8.01 1.01 12.64
N GLU A 1 4.69 -3.49 -14.43
CA GLU A 1 4.33 -2.97 -13.08
C GLU A 1 5.57 -2.41 -12.39
N MET A 2 5.70 -1.05 -12.41
CA MET A 2 6.84 -0.35 -11.79
C MET A 2 6.25 0.78 -10.97
N ARG A 3 6.96 1.11 -9.82
CA ARG A 3 6.59 2.18 -8.86
C ARG A 3 5.24 1.89 -8.22
N LEU A 4 5.25 1.01 -7.17
CA LEU A 4 4.03 0.64 -6.48
C LEU A 4 4.32 0.63 -4.98
N SER A 5 5.13 1.62 -4.51
CA SER A 5 5.49 1.74 -3.09
C SER A 5 4.40 2.52 -2.36
N LYS A 6 3.64 3.36 -3.12
CA LYS A 6 2.54 4.19 -2.58
C LYS A 6 1.25 3.39 -2.60
N PHE A 7 1.23 2.27 -3.39
CA PHE A 7 0.09 1.35 -3.51
C PHE A 7 0.00 0.53 -2.27
N PHE A 8 1.21 0.25 -1.73
CA PHE A 8 1.40 -0.63 -0.64
C PHE A 8 1.29 0.12 0.62
N ARG A 9 1.42 1.43 0.51
CA ARG A 9 1.31 2.29 1.63
C ARG A 9 -0.16 2.52 1.87
N ASP A 10 -1.01 2.42 0.83
CA ASP A 10 -2.44 2.60 1.05
C ASP A 10 -3.06 1.27 1.43
N PHE A 11 -2.54 0.13 0.91
CA PHE A 11 -3.09 -1.21 1.17
C PHE A 11 -2.75 -1.77 2.54
N ILE A 12 -1.49 -1.70 2.96
CA ILE A 12 -1.05 -2.26 4.25
C ILE A 12 -1.66 -1.51 5.39
N LEU A 13 -1.81 -0.19 5.19
CA LEU A 13 -2.27 0.72 6.23
C LEU A 13 -3.77 0.61 6.50
N GLN A 14 -4.53 -0.01 5.56
CA GLN A 14 -5.98 -0.25 5.72
C GLN A 14 -6.24 -1.57 6.45
N ARG A 15 -5.17 -2.39 6.72
CA ARG A 15 -5.30 -3.69 7.38
C ARG A 15 -4.80 -3.60 8.82
N LYS A 16 -4.83 -2.36 9.40
CA LYS A 16 -4.39 -2.12 10.78
C LYS A 16 -5.58 -2.22 11.71
N LYS A 17 -6.83 -2.17 11.09
CA LYS A 17 -8.12 -2.24 11.79
C LYS A 17 -8.24 -1.10 12.86
N GLU A 1 9.23 0.14 -16.19
CA GLU A 1 9.03 0.94 -14.93
C GLU A 1 7.62 0.77 -14.44
N MET A 2 7.46 0.14 -13.23
CA MET A 2 6.15 -0.09 -12.62
C MET A 2 6.23 0.42 -11.19
N ARG A 3 5.05 0.79 -10.62
CA ARG A 3 4.95 1.30 -9.25
C ARG A 3 4.14 0.31 -8.45
N LEU A 4 4.52 0.12 -7.14
CA LEU A 4 3.85 -0.84 -6.27
C LEU A 4 4.05 -0.36 -4.84
N SER A 5 4.59 0.90 -4.66
CA SER A 5 4.87 1.47 -3.33
C SER A 5 3.64 2.12 -2.71
N LYS A 6 2.77 2.79 -3.55
CA LYS A 6 1.56 3.47 -3.06
C LYS A 6 0.43 2.48 -2.89
N PHE A 7 0.59 1.27 -3.52
CA PHE A 7 -0.39 0.17 -3.46
C PHE A 7 -0.36 -0.45 -2.12
N PHE A 8 0.88 -0.52 -1.58
CA PHE A 8 1.20 -1.20 -0.37
C PHE A 8 1.05 -0.30 0.77
N ARG A 9 1.06 1.00 0.50
CA ARG A 9 0.91 2.00 1.49
C ARG A 9 -0.56 2.06 1.88
N ASP A 10 -1.46 1.86 0.91
CA ASP A 10 -2.88 1.89 1.22
C ASP A 10 -3.40 0.53 1.66
N PHE A 11 -2.67 -0.57 1.40
CA PHE A 11 -3.10 -1.90 1.82
C PHE A 11 -2.65 -2.30 3.19
N ILE A 12 -1.37 -2.08 3.54
CA ILE A 12 -0.82 -2.48 4.84
C ILE A 12 -1.42 -1.66 5.97
N LEU A 13 -1.60 -0.37 5.67
CA LEU A 13 -2.00 0.62 6.65
C LEU A 13 -3.45 0.48 7.10
N GLN A 14 -4.37 0.12 6.17
CA GLN A 14 -5.82 0.01 6.50
C GLN A 14 -6.19 -1.34 7.13
N ARG A 15 -5.21 -2.29 7.36
CA ARG A 15 -5.51 -3.60 7.96
C ARG A 15 -5.33 -3.57 9.47
N LYS A 16 -4.87 -2.41 10.02
CA LYS A 16 -4.67 -2.27 11.45
C LYS A 16 -5.59 -1.18 11.95
N LYS A 17 -6.39 -0.56 11.01
CA LYS A 17 -7.32 0.49 11.37
C LYS A 17 -8.75 -0.13 11.49
N GLU A 1 8.90 0.87 -14.62
CA GLU A 1 7.58 0.96 -15.31
C GLU A 1 6.50 1.39 -14.33
N MET A 2 6.21 0.51 -13.31
CA MET A 2 5.18 0.78 -12.30
C MET A 2 5.82 0.50 -10.95
N ARG A 3 5.28 1.18 -9.88
CA ARG A 3 5.78 1.03 -8.51
C ARG A 3 4.70 0.33 -7.72
N LEU A 4 5.14 -0.60 -6.82
CA LEU A 4 4.22 -1.37 -5.98
C LEU A 4 4.43 -0.96 -4.52
N SER A 5 5.20 0.15 -4.28
CA SER A 5 5.45 0.65 -2.92
C SER A 5 4.31 1.56 -2.49
N LYS A 6 3.54 2.11 -3.48
CA LYS A 6 2.41 3.01 -3.24
C LYS A 6 1.15 2.17 -3.06
N PHE A 7 1.22 0.87 -3.52
CA PHE A 7 0.13 -0.10 -3.41
C PHE A 7 0.07 -0.60 -2.01
N PHE A 8 1.27 -0.62 -1.40
CA PHE A 8 1.51 -1.19 -0.11
C PHE A 8 1.32 -0.14 0.91
N ARG A 9 1.31 1.11 0.47
CA ARG A 9 1.10 2.22 1.32
C ARG A 9 -0.41 2.33 1.49
N ASP A 10 -1.18 1.90 0.48
CA ASP A 10 -2.63 1.98 0.57
C ASP A 10 -3.21 0.74 1.22
N PHE A 11 -2.54 -0.42 1.08
CA PHE A 11 -3.03 -1.69 1.64
C PHE A 11 -2.72 -1.90 3.09
N ILE A 12 -1.48 -1.62 3.54
CA ILE A 12 -1.07 -1.84 4.94
C ILE A 12 -1.80 -0.90 5.86
N LEU A 13 -2.01 0.33 5.35
CA LEU A 13 -2.58 1.41 6.12
C LEU A 13 -4.07 1.21 6.41
N GLN A 14 -4.77 0.45 5.52
CA GLN A 14 -6.21 0.14 5.69
C GLN A 14 -6.42 -1.08 6.60
N ARG A 15 -5.31 -1.80 6.97
CA ARG A 15 -5.39 -3.00 7.82
C ARG A 15 -4.88 -2.67 9.22
N LYS A 16 -5.05 -1.38 9.64
CA LYS A 16 -4.64 -0.91 10.95
C LYS A 16 -5.92 -0.80 11.75
N LYS A 17 -6.55 -1.98 11.99
CA LYS A 17 -7.80 -2.09 12.73
C LYS A 17 -7.59 -1.77 14.24
N GLU A 1 10.18 -1.67 -14.97
CA GLU A 1 9.87 -0.71 -13.85
C GLU A 1 8.39 -0.73 -13.55
N MET A 2 8.04 -1.05 -12.27
CA MET A 2 6.65 -1.12 -11.81
C MET A 2 6.57 -0.24 -10.57
N ARG A 3 5.37 0.39 -10.35
CA ARG A 3 5.13 1.26 -9.21
C ARG A 3 3.92 0.70 -8.47
N LEU A 4 4.19 0.01 -7.31
CA LEU A 4 3.15 -0.58 -6.49
C LEU A 4 3.46 -0.23 -5.04
N SER A 5 4.20 0.91 -4.82
CA SER A 5 4.60 1.34 -3.46
C SER A 5 3.49 2.15 -2.80
N LYS A 6 2.70 2.94 -3.60
CA LYS A 6 1.60 3.77 -3.07
C LYS A 6 0.34 2.93 -2.89
N PHE A 7 0.32 1.74 -3.56
CA PHE A 7 -0.79 0.78 -3.51
C PHE A 7 -0.81 0.12 -2.18
N PHE A 8 0.42 -0.14 -1.66
CA PHE A 8 0.64 -0.89 -0.48
C PHE A 8 0.65 0.00 0.69
N ARG A 9 0.83 1.29 0.44
CA ARG A 9 0.85 2.28 1.46
C ARG A 9 -0.59 2.58 1.81
N ASP A 10 -1.49 2.49 0.84
CA ASP A 10 -2.90 2.77 1.12
C ASP A 10 -3.61 1.52 1.60
N PHE A 11 -3.12 0.30 1.22
CA PHE A 11 -3.76 -0.95 1.64
C PHE A 11 -3.39 -1.41 3.03
N ILE A 12 -2.09 -1.42 3.37
CA ILE A 12 -1.62 -1.90 4.68
C ILE A 12 -2.11 -1.03 5.80
N LEU A 13 -2.11 0.29 5.50
CA LEU A 13 -2.41 1.30 6.50
C LEU A 13 -3.87 1.33 6.91
N GLN A 14 -4.80 1.13 5.93
CA GLN A 14 -6.26 1.14 6.20
C GLN A 14 -6.73 -0.12 6.95
N ARG A 15 -5.95 -1.26 6.88
CA ARG A 15 -6.33 -2.51 7.56
C ARG A 15 -6.29 -2.38 9.08
N LYS A 16 -5.26 -1.61 9.58
CA LYS A 16 -5.02 -1.32 10.99
C LYS A 16 -4.78 -2.62 11.71
N LYS A 17 -3.76 -3.37 11.19
CA LYS A 17 -3.40 -4.67 11.72
C LYS A 17 -2.75 -4.52 13.14
N GLU A 1 10.52 2.71 -11.24
CA GLU A 1 10.73 1.23 -11.19
C GLU A 1 9.39 0.51 -11.27
N MET A 2 8.52 0.67 -10.21
CA MET A 2 7.21 0.03 -10.15
C MET A 2 6.20 1.10 -9.81
N ARG A 3 4.92 0.90 -10.27
CA ARG A 3 3.82 1.83 -10.03
C ARG A 3 2.80 1.14 -9.12
N LEU A 4 3.23 0.04 -8.43
CA LEU A 4 2.36 -0.74 -7.55
C LEU A 4 2.73 -0.46 -6.09
N SER A 5 3.51 0.64 -5.83
CA SER A 5 3.93 0.98 -4.47
C SER A 5 2.87 1.80 -3.72
N LYS A 6 1.89 2.43 -4.46
CA LYS A 6 0.82 3.24 -3.84
C LYS A 6 -0.34 2.33 -3.47
N PHE A 7 -0.37 1.10 -4.11
CA PHE A 7 -1.40 0.08 -3.89
C PHE A 7 -1.16 -0.58 -2.58
N PHE A 8 0.14 -0.72 -2.27
CA PHE A 8 0.62 -1.47 -1.15
C PHE A 8 0.72 -0.58 0.03
N ARG A 9 0.76 0.73 -0.23
CA ARG A 9 0.80 1.71 0.81
C ARG A 9 -0.59 1.82 1.38
N ASP A 10 -1.63 1.66 0.55
CA ASP A 10 -2.97 1.81 1.08
C ASP A 10 -3.53 0.49 1.60
N PHE A 11 -2.92 -0.66 1.23
CA PHE A 11 -3.39 -1.97 1.69
C PHE A 11 -2.76 -2.43 2.98
N ILE A 12 -1.43 -2.28 3.13
CA ILE A 12 -0.69 -2.73 4.32
C ILE A 12 -1.06 -1.91 5.54
N LEU A 13 -1.24 -0.60 5.28
CA LEU A 13 -1.45 0.38 6.33
C LEU A 13 -2.82 0.28 6.98
N GLN A 14 -3.86 -0.12 6.19
CA GLN A 14 -5.26 -0.24 6.69
C GLN A 14 -5.51 -1.53 7.48
N ARG A 15 -4.46 -2.39 7.73
CA ARG A 15 -4.63 -3.65 8.50
C ARG A 15 -4.97 -3.39 9.95
N LYS A 16 -4.38 -2.33 10.55
CA LYS A 16 -4.61 -1.98 11.96
C LYS A 16 -5.30 -0.64 12.02
N LYS A 17 -5.25 0.18 10.91
CA LYS A 17 -5.89 1.49 10.90
C LYS A 17 -7.36 1.33 10.43
#